data_4CH7
#
_entry.id   4CH7
#
_cell.length_a   101.350
_cell.length_b   72.090
_cell.length_c   51.200
_cell.angle_alpha   90.00
_cell.angle_beta   100.40
_cell.angle_gamma   90.00
#
_symmetry.space_group_name_H-M   'C 1 2 1'
#
loop_
_entity.id
_entity.type
_entity.pdbx_description
1 polymer 'NIRD-LIKE PROTEIN'
2 water water
#
_entity_poly.entity_id   1
_entity_poly.type   'polypeptide(L)'
_entity_poly.pdbx_seq_one_letter_code
;(MSE)GNEFDKILKIIQKDIPLVKEPFSVLAQEVGIEEGKLLKTIEKLVEDGIVRHIAPIYDSRLLGYDSALIAFKVDRQ
KLEEVANFVNACPGVSHNYERTHDFNLWFTLAVPPEISELEDVVRL(MSE)AERERVKDYLVLRVVRLFKIGVKLDYESP
AEKESVDTKVYTYTPLTEEEKRIVSITQGSFPLVERPFLEYAKRLR(MSE)SEEELLEKLSALKERGVLRRISAVLYHRR
AGYVANA(MSE)SVWEVPEDAIEEVGRYIAGFKGVSHCYQRTTSEKFRYNLFA(MSE)(MSE)HGKGQEEIKLLAETISR
EKALSKYALLFSTREFKKVRIKYFSEEFERWFKELISALEHHHHHH
;
_entity_poly.pdbx_strand_id   A
#
# COMPACT_ATOMS: atom_id res chain seq x y z
N ASN A 3 -2.05 -30.33 10.84
CA ASN A 3 -0.93 -30.33 9.92
C ASN A 3 0.08 -29.24 10.28
N GLU A 4 1.37 -29.60 10.24
CA GLU A 4 2.44 -28.66 10.52
C GLU A 4 2.43 -27.50 9.54
N PHE A 5 2.42 -27.84 8.25
CA PHE A 5 2.33 -26.86 7.18
C PHE A 5 1.22 -25.86 7.44
N ASP A 6 0.03 -26.39 7.73
CA ASP A 6 -1.14 -25.57 8.00
C ASP A 6 -0.96 -24.70 9.25
N LYS A 7 -0.41 -25.28 10.31
CA LYS A 7 -0.19 -24.55 11.56
C LYS A 7 0.86 -23.45 11.42
N ILE A 8 1.93 -23.75 10.70
CA ILE A 8 3.02 -22.80 10.47
C ILE A 8 2.57 -21.66 9.57
N LEU A 9 1.97 -22.02 8.44
CA LEU A 9 1.42 -21.04 7.49
C LEU A 9 0.47 -20.08 8.20
N LYS A 10 -0.39 -20.64 9.05
CA LYS A 10 -1.35 -19.85 9.82
C LYS A 10 -0.68 -18.91 10.80
N ILE A 11 0.36 -19.38 11.47
CA ILE A 11 0.97 -18.64 12.59
C ILE A 11 1.91 -17.50 12.16
N ILE A 12 2.51 -17.62 10.97
CA ILE A 12 3.42 -16.59 10.48
C ILE A 12 2.67 -15.46 9.79
N GLN A 13 1.35 -15.60 9.71
CA GLN A 13 0.50 -14.54 9.19
C GLN A 13 -0.04 -13.72 10.35
N LYS A 14 0.08 -14.26 11.55
CA LYS A 14 -0.24 -13.51 12.76
C LYS A 14 0.95 -12.61 13.08
N ASP A 15 0.70 -11.56 13.87
CA ASP A 15 1.77 -10.66 14.28
C ASP A 15 2.86 -11.43 15.02
N ILE A 16 4.10 -11.29 14.56
CA ILE A 16 5.23 -11.98 15.15
C ILE A 16 5.79 -11.18 16.31
N PRO A 17 5.89 -11.81 17.49
CA PRO A 17 6.23 -11.10 18.75
C PRO A 17 7.56 -10.38 18.71
N LEU A 18 7.60 -9.18 19.30
CA LEU A 18 8.83 -8.41 19.40
C LEU A 18 9.67 -8.91 20.57
N VAL A 19 10.32 -10.05 20.36
CA VAL A 19 11.23 -10.61 21.35
C VAL A 19 12.53 -10.94 20.62
N LYS A 20 13.55 -11.36 21.37
CA LYS A 20 14.85 -11.66 20.77
C LYS A 20 14.78 -12.91 19.90
N GLU A 21 13.99 -13.90 20.34
CA GLU A 21 13.86 -15.15 19.60
C GLU A 21 12.40 -15.46 19.32
N PRO A 22 11.80 -14.75 18.35
CA PRO A 22 10.37 -14.88 18.03
C PRO A 22 10.02 -16.22 17.41
N PHE A 23 10.97 -16.81 16.69
CA PHE A 23 10.73 -18.11 16.05
C PHE A 23 10.85 -19.26 17.06
N SER A 24 11.55 -19.02 18.16
CA SER A 24 11.58 -19.96 19.27
C SER A 24 10.19 -20.02 19.90
N VAL A 25 9.57 -18.86 20.05
CA VAL A 25 8.21 -18.74 20.58
C VAL A 25 7.19 -19.39 19.66
N LEU A 26 7.27 -19.08 18.36
CA LEU A 26 6.38 -19.69 17.36
C LEU A 26 6.56 -21.20 17.32
N ALA A 27 7.81 -21.65 17.42
CA ALA A 27 8.12 -23.08 17.42
C ALA A 27 7.43 -23.79 18.59
N GLN A 28 7.54 -23.19 19.76
CA GLN A 28 6.86 -23.70 20.95
C GLN A 28 5.36 -23.78 20.74
N GLU A 29 4.79 -22.69 20.22
CA GLU A 29 3.35 -22.63 19.96
C GLU A 29 2.88 -23.64 18.91
N VAL A 30 3.69 -23.85 17.88
CA VAL A 30 3.39 -24.82 16.83
C VAL A 30 3.62 -26.25 17.34
N GLY A 31 4.66 -26.43 18.14
CA GLY A 31 4.96 -27.74 18.69
C GLY A 31 6.05 -28.47 17.95
N ILE A 32 6.89 -27.72 17.23
CA ILE A 32 8.01 -28.31 16.52
C ILE A 32 9.32 -27.62 16.88
N GLU A 33 10.43 -28.29 16.59
CA GLU A 33 11.75 -27.74 16.85
C GLU A 33 11.98 -26.49 16.00
N GLU A 34 12.69 -25.51 16.55
CA GLU A 34 12.82 -24.20 15.90
C GLU A 34 13.52 -24.25 14.54
N GLY A 35 14.62 -24.99 14.46
CA GLY A 35 15.34 -25.13 13.20
C GLY A 35 14.45 -25.69 12.12
N LYS A 36 13.60 -26.66 12.49
CA LYS A 36 12.65 -27.23 11.57
C LYS A 36 11.59 -26.21 11.15
N LEU A 37 11.12 -25.41 12.10
CA LEU A 37 10.19 -24.33 11.81
C LEU A 37 10.79 -23.37 10.80
N LEU A 38 12.03 -22.95 11.06
CA LEU A 38 12.73 -22.00 10.21
C LEU A 38 12.85 -22.47 8.76
N LYS A 39 13.44 -23.64 8.55
CA LYS A 39 13.63 -24.18 7.21
C LYS A 39 12.31 -24.33 6.46
N THR A 40 11.25 -24.67 7.19
CA THR A 40 9.91 -24.77 6.61
C THR A 40 9.43 -23.41 6.07
N ILE A 41 9.58 -22.35 6.88
CA ILE A 41 9.21 -20.99 6.47
C ILE A 41 9.82 -20.63 5.13
N GLU A 42 11.10 -20.95 4.97
CA GLU A 42 11.84 -20.68 3.75
C GLU A 42 11.13 -21.31 2.56
N LYS A 43 10.75 -22.58 2.70
CA LYS A 43 10.01 -23.30 1.68
C LYS A 43 8.77 -22.54 1.25
N LEU A 44 8.01 -22.05 2.22
CA LEU A 44 6.78 -21.32 1.94
C LEU A 44 7.04 -20.02 1.18
N VAL A 45 8.16 -19.35 1.45
CA VAL A 45 8.53 -18.15 0.70
C VAL A 45 9.28 -18.48 -0.59
N GLU A 46 10.07 -19.55 -0.56
CA GLU A 46 10.78 -20.03 -1.73
C GLU A 46 9.79 -20.42 -2.83
N ASP A 47 8.63 -20.91 -2.41
CA ASP A 47 7.66 -21.44 -3.35
C ASP A 47 6.56 -20.45 -3.72
N GLY A 48 6.28 -19.49 -2.84
CA GLY A 48 5.46 -18.35 -3.22
C GLY A 48 3.97 -18.35 -2.91
N ILE A 49 3.56 -19.05 -1.85
CA ILE A 49 2.20 -18.91 -1.36
C ILE A 49 2.21 -17.81 -0.31
N VAL A 50 3.35 -17.67 0.35
CA VAL A 50 3.75 -16.45 1.01
C VAL A 50 5.07 -16.12 0.32
N ARG A 51 5.30 -14.87 -0.02
CA ARG A 51 6.51 -14.55 -0.79
C ARG A 51 7.49 -13.76 0.04
N HIS A 52 7.03 -13.34 1.21
CA HIS A 52 7.83 -12.45 2.03
C HIS A 52 7.39 -12.54 3.49
N ILE A 53 8.14 -11.87 4.34
CA ILE A 53 7.84 -11.76 5.76
C ILE A 53 8.54 -10.51 6.24
N ALA A 54 7.79 -9.56 6.78
CA ALA A 54 8.32 -8.22 7.01
C ALA A 54 7.47 -7.44 7.99
N PRO A 55 8.05 -6.38 8.57
CA PRO A 55 7.26 -5.42 9.34
C PRO A 55 6.29 -4.69 8.43
N ILE A 56 5.11 -4.35 8.94
CA ILE A 56 4.19 -3.49 8.20
C ILE A 56 4.06 -2.17 8.94
N TYR A 57 4.50 -1.09 8.29
CA TYR A 57 4.45 0.23 8.90
C TYR A 57 3.25 1.03 8.38
N ASP A 58 2.66 1.85 9.24
CA ASP A 58 1.56 2.70 8.82
C ASP A 58 2.09 3.92 8.07
N SER A 59 1.69 4.06 6.81
CA SER A 59 2.20 5.11 5.94
C SER A 59 2.12 6.51 6.53
N ARG A 60 0.92 6.92 6.96
CA ARG A 60 0.73 8.28 7.47
C ARG A 60 1.36 8.50 8.86
N LEU A 61 1.43 7.43 9.66
CA LEU A 61 2.05 7.53 10.98
C LEU A 61 3.56 7.66 10.88
N LEU A 62 4.10 7.27 9.72
CA LEU A 62 5.50 7.51 9.41
C LEU A 62 5.70 8.98 9.06
N GLY A 63 4.61 9.64 8.67
CA GLY A 63 4.66 11.03 8.24
C GLY A 63 4.54 11.15 6.74
N TYR A 64 4.27 10.01 6.09
CA TYR A 64 4.06 10.01 4.65
C TYR A 64 2.65 10.47 4.30
N ASP A 65 2.56 11.46 3.42
CA ASP A 65 1.28 11.81 2.83
C ASP A 65 1.14 11.00 1.54
N SER A 66 0.09 10.20 1.47
CA SER A 66 -0.17 9.39 0.28
C SER A 66 -1.55 9.65 -0.28
N ALA A 67 -1.66 9.64 -1.60
CA ALA A 67 -2.92 9.90 -2.26
C ALA A 67 -3.05 9.12 -3.56
N LEU A 68 -4.28 9.00 -4.05
CA LEU A 68 -4.51 8.40 -5.36
C LEU A 68 -4.55 9.52 -6.39
N ILE A 69 -3.63 9.48 -7.34
CA ILE A 69 -3.53 10.53 -8.35
C ILE A 69 -4.07 10.05 -9.70
N ALA A 70 -4.80 10.91 -10.39
CA ALA A 70 -5.33 10.59 -11.71
C ALA A 70 -4.93 11.66 -12.71
N PHE A 71 -4.34 11.25 -13.83
CA PHE A 71 -3.95 12.19 -14.88
C PHE A 71 -4.84 12.05 -16.11
N LYS A 72 -5.21 13.18 -16.71
CA LYS A 72 -5.86 13.14 -18.01
C LYS A 72 -4.81 13.30 -19.11
N VAL A 73 -4.42 12.17 -19.68
CA VAL A 73 -3.42 12.14 -20.74
C VAL A 73 -4.07 11.56 -21.98
N ASP A 74 -3.70 12.02 -23.17
CA ASP A 74 -4.24 11.36 -24.36
C ASP A 74 -3.26 10.33 -24.93
N ARG A 75 -3.83 9.31 -25.56
CA ARG A 75 -3.12 8.09 -25.97
C ARG A 75 -1.75 8.29 -26.60
N GLN A 76 -1.62 9.34 -27.42
CA GLN A 76 -0.36 9.67 -28.06
C GLN A 76 0.75 9.83 -27.03
N LYS A 77 0.39 10.35 -25.87
CA LYS A 77 1.37 10.70 -24.84
C LYS A 77 1.23 9.85 -23.59
N LEU A 78 0.30 8.90 -23.61
CA LEU A 78 0.03 8.05 -22.45
C LEU A 78 1.26 7.30 -21.96
N GLU A 79 1.93 6.58 -22.87
CA GLU A 79 3.10 5.80 -22.52
C GLU A 79 4.25 6.67 -22.00
N GLU A 80 4.56 7.75 -22.72
CA GLU A 80 5.59 8.69 -22.30
C GLU A 80 5.36 9.19 -20.88
N VAL A 81 4.13 9.62 -20.60
CA VAL A 81 3.75 10.09 -19.28
C VAL A 81 3.84 8.97 -18.24
N ALA A 82 3.39 7.79 -18.61
CA ALA A 82 3.39 6.64 -17.70
C ALA A 82 4.79 6.29 -17.21
N ASN A 83 5.76 6.30 -18.12
CA ASN A 83 7.14 6.00 -17.78
C ASN A 83 7.76 7.10 -16.90
N PHE A 84 7.31 8.33 -17.09
CA PHE A 84 7.73 9.43 -16.23
C PHE A 84 7.25 9.19 -14.80
N VAL A 85 5.99 8.77 -14.67
CA VAL A 85 5.38 8.48 -13.37
C VAL A 85 6.13 7.37 -12.64
N ASN A 86 6.41 6.28 -13.37
CA ASN A 86 7.12 5.14 -12.82
C ASN A 86 8.49 5.51 -12.24
N ALA A 87 9.12 6.51 -12.82
CA ALA A 87 10.42 6.99 -12.36
C ALA A 87 10.38 7.49 -10.91
N CYS A 88 9.23 8.03 -10.51
CA CYS A 88 9.07 8.52 -9.14
C CYS A 88 9.11 7.36 -8.14
N PRO A 89 10.05 7.44 -7.18
CA PRO A 89 10.23 6.43 -6.14
C PRO A 89 9.05 6.37 -5.19
N GLY A 90 8.22 7.42 -5.20
CA GLY A 90 7.05 7.47 -4.34
C GLY A 90 5.79 6.91 -4.97
N VAL A 91 5.88 6.53 -6.24
CA VAL A 91 4.75 5.92 -6.94
C VAL A 91 4.80 4.40 -6.79
N SER A 92 3.79 3.83 -6.13
CA SER A 92 3.75 2.39 -5.87
C SER A 92 3.06 1.63 -6.99
N HIS A 93 1.81 2.01 -7.28
CA HIS A 93 1.07 1.40 -8.37
C HIS A 93 0.82 2.45 -9.45
N ASN A 94 0.85 2.03 -10.71
CA ASN A 94 0.49 2.91 -11.82
C ASN A 94 -0.32 2.13 -12.84
N TYR A 95 -1.47 2.67 -13.23
CA TYR A 95 -2.38 1.95 -14.10
C TYR A 95 -2.97 2.83 -15.19
N GLU A 96 -3.18 2.23 -16.36
CA GLU A 96 -4.02 2.84 -17.37
C GLU A 96 -5.43 2.34 -17.15
N ARG A 97 -6.38 3.27 -17.07
CA ARG A 97 -7.76 2.89 -16.78
C ARG A 97 -8.75 3.46 -17.78
N THR A 98 -9.92 2.84 -17.85
CA THR A 98 -10.98 3.28 -18.75
C THR A 98 -11.80 4.39 -18.11
N HIS A 99 -11.40 5.63 -18.41
CA HIS A 99 -12.03 6.82 -17.84
C HIS A 99 -11.43 8.05 -18.53
N ASP A 100 -12.11 9.19 -18.43
CA ASP A 100 -11.58 10.43 -18.98
C ASP A 100 -10.20 10.73 -18.38
N PHE A 101 -10.07 10.45 -17.09
CA PHE A 101 -8.76 10.34 -16.47
C PHE A 101 -8.27 8.91 -16.69
N ASN A 102 -7.32 8.75 -17.60
CA ASN A 102 -6.91 7.44 -18.07
C ASN A 102 -5.62 6.92 -17.42
N LEU A 103 -5.01 7.73 -16.57
CA LEU A 103 -3.80 7.30 -15.86
C LEU A 103 -3.96 7.49 -14.36
N TRP A 104 -3.97 6.39 -13.62
CA TRP A 104 -4.14 6.41 -12.17
C TRP A 104 -2.95 5.79 -11.47
N PHE A 105 -2.34 6.55 -10.56
CA PHE A 105 -1.24 6.03 -9.77
C PHE A 105 -1.35 6.40 -8.29
N THR A 106 -0.74 5.60 -7.44
CA THR A 106 -0.67 5.88 -6.02
C THR A 106 0.65 6.57 -5.71
N LEU A 107 0.56 7.76 -5.14
CA LEU A 107 1.76 8.53 -4.79
C LEU A 107 1.91 8.64 -3.30
N ALA A 108 3.11 8.35 -2.79
CA ALA A 108 3.42 8.55 -1.39
C ALA A 108 4.62 9.48 -1.28
N VAL A 109 4.48 10.54 -0.49
CA VAL A 109 5.54 11.54 -0.35
C VAL A 109 6.07 11.58 1.09
N PRO A 110 7.40 11.47 1.25
CA PRO A 110 8.03 11.59 2.57
C PRO A 110 7.82 12.98 3.15
N PRO A 111 7.82 13.09 4.48
CA PRO A 111 7.62 14.40 5.12
C PRO A 111 8.86 15.29 4.94
N GLU A 112 8.68 16.60 5.09
CA GLU A 112 9.78 17.56 4.97
C GLU A 112 10.59 17.50 3.67
N ILE A 113 9.91 17.49 2.54
CA ILE A 113 10.56 17.60 1.24
C ILE A 113 9.72 18.50 0.34
N SER A 114 8.44 18.15 0.23
CA SER A 114 7.47 18.91 -0.52
C SER A 114 6.09 18.39 -0.17
N GLU A 115 5.10 19.27 -0.18
CA GLU A 115 3.73 18.83 0.00
C GLU A 115 3.33 18.01 -1.23
N LEU A 116 2.47 17.03 -1.02
CA LEU A 116 2.03 16.14 -2.09
C LEU A 116 1.45 16.92 -3.27
N GLU A 117 0.64 17.92 -2.96
CA GLU A 117 0.01 18.78 -3.97
C GLU A 117 1.02 19.51 -4.84
N ASP A 118 2.14 19.90 -4.26
CA ASP A 118 3.21 20.57 -5.00
C ASP A 118 3.89 19.57 -5.93
N VAL A 119 4.19 18.38 -5.41
CA VAL A 119 4.81 17.31 -6.17
C VAL A 119 4.04 16.98 -7.45
N VAL A 120 2.72 16.82 -7.34
N VAL A 120 2.72 16.82 -7.33
CA VAL A 120 1.88 16.49 -8.48
CA VAL A 120 1.89 16.48 -8.49
C VAL A 120 1.75 17.66 -9.46
C VAL A 120 1.77 17.66 -9.46
N ARG A 121 1.76 18.88 -8.94
CA ARG A 121 1.68 20.08 -9.77
C ARG A 121 2.90 20.14 -10.69
N LEU A 122 4.06 19.91 -10.11
CA LEU A 122 5.32 19.91 -10.85
C LEU A 122 5.37 18.74 -11.83
N MSE A 123 4.81 17.59 -11.44
CA MSE A 123 4.70 16.44 -12.32
C MSE A 123 3.83 16.79 -13.52
O MSE A 123 4.22 16.60 -14.67
CB MSE A 123 4.07 15.25 -11.58
CG MSE A 123 4.98 14.50 -10.61
SE MSE A 123 3.94 13.10 -9.73
CE MSE A 123 5.29 12.32 -8.61
N ALA A 124 2.63 17.28 -13.25
CA ALA A 124 1.67 17.63 -14.29
C ALA A 124 2.18 18.75 -15.19
N GLU A 125 2.89 19.70 -14.60
CA GLU A 125 3.47 20.81 -15.37
C GLU A 125 4.53 20.30 -16.34
N ARG A 126 5.40 19.43 -15.83
CA ARG A 126 6.47 18.83 -16.62
C ARG A 126 5.93 17.95 -17.74
N GLU A 127 4.87 17.19 -17.43
CA GLU A 127 4.26 16.31 -18.41
C GLU A 127 3.19 17.01 -19.22
N ARG A 128 3.04 18.31 -18.98
CA ARG A 128 2.05 19.13 -19.66
C ARG A 128 0.64 18.53 -19.55
N VAL A 129 0.33 18.03 -18.36
CA VAL A 129 -1.00 17.50 -18.08
C VAL A 129 -1.82 18.59 -17.39
N LYS A 130 -2.94 18.97 -18.00
CA LYS A 130 -3.75 20.08 -17.50
C LYS A 130 -4.69 19.65 -16.39
N ASP A 131 -5.41 18.55 -16.60
CA ASP A 131 -6.40 18.09 -15.63
C ASP A 131 -5.91 16.88 -14.85
N TYR A 132 -5.89 17.01 -13.53
CA TYR A 132 -5.53 15.89 -12.67
C TYR A 132 -6.34 15.86 -11.38
N LEU A 133 -6.36 14.70 -10.74
CA LEU A 133 -7.10 14.52 -9.49
C LEU A 133 -6.16 14.14 -8.36
N VAL A 134 -6.43 14.67 -7.17
CA VAL A 134 -5.67 14.32 -5.99
C VAL A 134 -6.64 13.79 -4.93
N LEU A 135 -6.76 12.47 -4.86
CA LEU A 135 -7.75 11.83 -4.00
C LEU A 135 -7.09 11.07 -2.85
N ARG A 136 -7.47 11.41 -1.63
CA ARG A 136 -6.98 10.70 -0.46
C ARG A 136 -8.01 9.70 0.05
N VAL A 137 -7.70 8.42 -0.11
CA VAL A 137 -8.62 7.35 0.27
C VAL A 137 -8.18 6.67 1.56
N VAL A 138 -9.13 6.06 2.25
CA VAL A 138 -8.85 5.28 3.45
C VAL A 138 -9.38 3.88 3.23
N ARG A 139 -8.56 2.87 3.53
CA ARG A 139 -8.97 1.48 3.34
C ARG A 139 -10.14 1.13 4.26
N LEU A 140 -11.16 0.48 3.71
CA LEU A 140 -12.25 -0.01 4.53
C LEU A 140 -11.95 -1.43 5.00
N PHE A 141 -11.24 -1.53 6.12
CA PHE A 141 -10.95 -2.82 6.73
C PHE A 141 -12.10 -3.20 7.66
N LYS A 142 -13.26 -3.44 7.05
CA LYS A 142 -14.47 -3.80 7.80
C LYS A 142 -15.53 -4.33 6.84
N VAL A 162 -6.68 5.38 20.10
CA VAL A 162 -6.60 6.35 19.02
C VAL A 162 -5.15 6.73 18.70
N TYR A 163 -4.84 6.87 17.42
CA TYR A 163 -3.47 7.11 16.99
C TYR A 163 -3.21 8.56 16.57
N THR A 164 -2.15 9.15 17.11
CA THR A 164 -1.81 10.53 16.81
C THR A 164 -0.44 10.61 16.15
N TYR A 165 -0.34 11.35 15.06
CA TYR A 165 0.93 11.48 14.34
C TYR A 165 1.95 12.32 15.09
N THR A 166 3.02 11.67 15.52
CA THR A 166 4.20 12.37 16.03
C THR A 166 5.32 12.19 15.03
N PRO A 167 5.90 13.32 14.57
CA PRO A 167 7.02 13.28 13.63
C PRO A 167 8.13 12.36 14.10
N LEU A 168 8.58 11.47 13.22
CA LEU A 168 9.61 10.50 13.57
C LEU A 168 10.97 11.18 13.69
N THR A 169 11.73 10.80 14.71
CA THR A 169 13.11 11.26 14.85
C THR A 169 13.94 10.61 13.76
N GLU A 170 15.15 11.12 13.54
CA GLU A 170 16.03 10.55 12.52
C GLU A 170 16.49 9.14 12.89
N GLU A 171 16.44 8.83 14.18
CA GLU A 171 16.77 7.48 14.64
C GLU A 171 15.66 6.50 14.25
N GLU A 172 14.41 6.91 14.48
CA GLU A 172 13.25 6.10 14.13
C GLU A 172 13.18 5.92 12.60
N LYS A 173 13.61 6.94 11.86
CA LYS A 173 13.67 6.86 10.41
C LYS A 173 14.67 5.79 9.97
N ARG A 174 15.85 5.78 10.60
CA ARG A 174 16.87 4.78 10.33
C ARG A 174 16.37 3.39 10.70
N ILE A 175 15.69 3.29 11.85
CA ILE A 175 15.09 2.04 12.30
C ILE A 175 14.13 1.50 11.24
N VAL A 176 13.17 2.32 10.83
CA VAL A 176 12.23 1.95 9.76
C VAL A 176 12.99 1.62 8.47
N SER A 177 13.99 2.43 8.15
CA SER A 177 14.78 2.26 6.93
C SER A 177 15.39 0.87 6.79
N ILE A 178 16.03 0.39 7.85
CA ILE A 178 16.76 -0.88 7.79
C ILE A 178 15.93 -2.11 8.16
N THR A 179 14.78 -1.90 8.80
CA THR A 179 13.94 -3.01 9.24
C THR A 179 12.80 -3.35 8.27
N GLN A 180 12.48 -2.40 7.38
CA GLN A 180 11.31 -2.53 6.49
C GLN A 180 11.37 -3.70 5.52
N GLY A 181 12.58 -4.21 5.25
CA GLY A 181 12.74 -5.28 4.26
C GLY A 181 12.42 -6.66 4.78
N SER A 182 12.98 -7.68 4.13
CA SER A 182 12.76 -9.07 4.52
C SER A 182 13.20 -9.37 5.94
N PHE A 183 12.30 -9.90 6.75
CA PHE A 183 12.62 -10.30 8.11
C PHE A 183 13.52 -11.52 8.07
N PRO A 184 14.71 -11.41 8.65
CA PRO A 184 15.69 -12.51 8.64
C PRO A 184 15.09 -13.79 9.23
N LEU A 185 15.25 -14.91 8.53
CA LEU A 185 14.77 -16.18 9.05
C LEU A 185 15.88 -16.85 9.86
N VAL A 186 16.18 -16.26 11.01
CA VAL A 186 17.25 -16.75 11.88
C VAL A 186 16.77 -16.77 13.33
N GLU A 187 17.61 -17.32 14.21
CA GLU A 187 17.29 -17.43 15.62
C GLU A 187 17.21 -16.07 16.29
N ARG A 188 18.06 -15.14 15.85
CA ARG A 188 18.11 -13.80 16.42
C ARG A 188 17.94 -12.74 15.33
N PRO A 189 16.70 -12.58 14.85
CA PRO A 189 16.42 -11.74 13.66
C PRO A 189 16.47 -10.23 13.92
N PHE A 190 16.68 -9.82 15.17
CA PHE A 190 16.80 -8.40 15.49
C PHE A 190 18.26 -8.03 15.78
N LEU A 191 19.12 -9.03 15.87
CA LEU A 191 20.51 -8.83 16.27
C LEU A 191 21.33 -8.00 15.28
N GLU A 192 21.35 -8.42 14.02
CA GLU A 192 22.10 -7.69 12.99
C GLU A 192 21.60 -6.26 12.83
N TYR A 193 20.28 -6.09 12.86
CA TYR A 193 19.67 -4.76 12.83
C TYR A 193 20.20 -3.91 13.98
N ALA A 194 20.23 -4.49 15.17
CA ALA A 194 20.69 -3.79 16.36
C ALA A 194 22.16 -3.38 16.26
N LYS A 195 22.99 -4.28 15.75
CA LYS A 195 24.41 -3.98 15.52
C LYS A 195 24.58 -2.82 14.55
N ARG A 196 23.81 -2.84 13.47
CA ARG A 196 23.85 -1.77 12.47
C ARG A 196 23.40 -0.44 13.06
N LEU A 197 22.43 -0.50 13.98
CA LEU A 197 21.91 0.69 14.62
C LEU A 197 22.76 1.11 15.81
N ARG A 198 23.85 0.37 16.05
CA ARG A 198 24.78 0.64 17.16
C ARG A 198 24.07 0.62 18.50
N MSE A 199 23.12 -0.31 18.67
CA MSE A 199 22.41 -0.45 19.93
C MSE A 199 22.21 -1.93 20.26
O MSE A 199 22.49 -2.80 19.44
CB MSE A 199 21.07 0.30 19.88
CG MSE A 199 20.09 -0.19 18.81
SE MSE A 199 18.34 0.67 18.91
CE MSE A 199 18.71 2.26 17.86
N SER A 200 21.74 -2.20 21.47
CA SER A 200 21.44 -3.56 21.87
C SER A 200 20.12 -4.00 21.24
N GLU A 201 19.86 -5.30 21.26
CA GLU A 201 18.57 -5.84 20.81
C GLU A 201 17.48 -5.29 21.71
N GLU A 202 17.77 -5.25 23.00
CA GLU A 202 16.82 -4.78 24.00
C GLU A 202 16.39 -3.35 23.72
N GLU A 203 17.34 -2.52 23.33
CA GLU A 203 17.06 -1.12 23.00
C GLU A 203 16.27 -1.00 21.70
N LEU A 204 16.59 -1.84 20.71
CA LEU A 204 15.85 -1.85 19.45
C LEU A 204 14.40 -2.31 19.65
N LEU A 205 14.23 -3.44 20.34
CA LEU A 205 12.90 -3.98 20.61
C LEU A 205 12.06 -3.01 21.43
N GLU A 206 12.73 -2.29 22.32
CA GLU A 206 12.09 -1.26 23.13
C GLU A 206 11.47 -0.19 22.23
N LYS A 207 12.23 0.23 21.22
CA LYS A 207 11.78 1.25 20.29
C LYS A 207 10.73 0.72 19.32
N LEU A 208 10.88 -0.53 18.90
CA LEU A 208 9.92 -1.16 18.02
C LEU A 208 8.58 -1.34 18.73
N SER A 209 8.63 -1.69 20.00
CA SER A 209 7.42 -1.83 20.81
C SER A 209 6.67 -0.50 20.90
N ALA A 210 7.41 0.58 21.16
CA ALA A 210 6.83 1.91 21.28
C ALA A 210 6.17 2.35 19.98
N LEU A 211 6.81 2.06 18.86
CA LEU A 211 6.25 2.34 17.54
C LEU A 211 4.97 1.54 17.32
N LYS A 212 4.93 0.32 17.85
CA LYS A 212 3.75 -0.52 17.75
C LYS A 212 2.63 0.02 18.64
N GLU A 213 3.00 0.48 19.82
CA GLU A 213 2.04 1.11 20.73
C GLU A 213 1.42 2.33 20.08
N ARG A 214 2.23 3.04 19.30
CA ARG A 214 1.80 4.26 18.62
C ARG A 214 1.10 3.96 17.30
N GLY A 215 1.14 2.70 16.87
CA GLY A 215 0.50 2.30 15.64
C GLY A 215 1.36 2.55 14.41
N VAL A 216 2.54 3.14 14.61
CA VAL A 216 3.49 3.36 13.54
C VAL A 216 3.90 2.02 12.95
N LEU A 217 4.14 1.06 13.85
CA LEU A 217 4.36 -0.32 13.46
C LEU A 217 3.07 -1.10 13.65
N ARG A 218 2.49 -1.57 12.55
CA ARG A 218 1.26 -2.36 12.62
C ARG A 218 1.54 -3.75 13.16
N ARG A 219 2.46 -4.44 12.51
CA ARG A 219 2.77 -5.83 12.83
C ARG A 219 3.97 -6.30 12.02
N ILE A 220 4.50 -7.46 12.39
CA ILE A 220 5.50 -8.13 11.58
C ILE A 220 4.91 -9.47 11.17
N SER A 221 4.73 -9.68 9.86
CA SER A 221 4.08 -10.90 9.39
C SER A 221 4.49 -11.29 7.99
N ALA A 222 4.18 -12.54 7.64
CA ALA A 222 4.25 -12.99 6.25
C ALA A 222 2.88 -12.75 5.63
N VAL A 223 2.85 -12.43 4.35
CA VAL A 223 1.58 -12.20 3.65
C VAL A 223 1.55 -12.98 2.34
N TYR A 231 -6.44 -11.66 -11.18
CA TYR A 231 -7.40 -12.23 -12.12
C TYR A 231 -7.16 -11.72 -13.54
N VAL A 232 -8.01 -12.14 -14.47
CA VAL A 232 -7.97 -11.65 -15.85
C VAL A 232 -8.35 -10.18 -15.88
N ALA A 233 -9.65 -9.91 -15.82
CA ALA A 233 -10.15 -8.54 -15.85
C ALA A 233 -10.15 -7.92 -14.45
N ASN A 234 -9.81 -6.64 -14.38
CA ASN A 234 -9.83 -5.92 -13.12
C ASN A 234 -10.38 -4.51 -13.31
N ALA A 235 -11.04 -4.00 -12.27
CA ALA A 235 -11.59 -2.65 -12.33
C ALA A 235 -11.66 -2.02 -10.96
N MSE A 236 -11.34 -0.73 -10.91
CA MSE A 236 -11.66 0.08 -9.75
C MSE A 236 -13.08 0.58 -9.96
O MSE A 236 -13.33 1.41 -10.84
CB MSE A 236 -10.69 1.26 -9.64
CG MSE A 236 -11.19 2.41 -8.78
SE MSE A 236 -9.91 3.87 -8.70
CE MSE A 236 -8.42 2.89 -7.92
N SER A 237 -14.02 0.05 -9.18
CA SER A 237 -15.39 0.55 -9.22
C SER A 237 -15.51 1.72 -8.26
N VAL A 238 -16.05 2.83 -8.75
CA VAL A 238 -16.23 4.01 -7.90
C VAL A 238 -17.71 4.32 -7.74
N TRP A 239 -18.12 4.65 -6.52
CA TRP A 239 -19.54 4.81 -6.21
C TRP A 239 -19.82 6.10 -5.46
N GLU A 240 -20.94 6.73 -5.78
CA GLU A 240 -21.43 7.85 -4.97
C GLU A 240 -22.47 7.32 -4.00
N VAL A 241 -22.13 7.33 -2.71
CA VAL A 241 -22.98 6.76 -1.69
C VAL A 241 -23.18 7.77 -0.56
N PRO A 242 -24.44 7.92 -0.10
CA PRO A 242 -24.69 8.72 1.10
C PRO A 242 -23.90 8.17 2.28
N GLU A 243 -23.17 9.03 2.98
CA GLU A 243 -22.20 8.61 3.99
C GLU A 243 -22.80 7.85 5.16
N ASP A 244 -24.11 7.98 5.35
CA ASP A 244 -24.81 7.25 6.40
C ASP A 244 -25.17 5.85 5.91
N ALA A 245 -24.63 5.49 4.75
CA ALA A 245 -24.91 4.21 4.12
C ALA A 245 -23.63 3.52 3.63
N ILE A 246 -22.54 4.27 3.53
CA ILE A 246 -21.26 3.74 3.05
C ILE A 246 -20.76 2.54 3.85
N GLU A 247 -21.02 2.55 5.15
CA GLU A 247 -20.67 1.41 6.01
C GLU A 247 -21.39 0.15 5.54
N GLU A 248 -22.72 0.18 5.58
CA GLU A 248 -23.54 -0.93 5.12
C GLU A 248 -23.19 -1.34 3.68
N VAL A 249 -23.18 -0.35 2.78
CA VAL A 249 -22.85 -0.59 1.38
C VAL A 249 -21.48 -1.25 1.22
N GLY A 250 -20.48 -0.71 1.91
CA GLY A 250 -19.14 -1.27 1.89
C GLY A 250 -19.12 -2.74 2.31
N ARG A 251 -19.89 -3.05 3.35
CA ARG A 251 -19.99 -4.42 3.85
C ARG A 251 -20.77 -5.32 2.89
N TYR A 252 -21.82 -4.77 2.29
CA TYR A 252 -22.60 -5.50 1.29
C TYR A 252 -21.73 -5.89 0.11
N ILE A 253 -21.00 -4.92 -0.42
CA ILE A 253 -20.09 -5.12 -1.54
C ILE A 253 -18.96 -6.11 -1.18
N ALA A 254 -18.47 -6.02 0.06
CA ALA A 254 -17.40 -6.88 0.54
C ALA A 254 -17.78 -8.36 0.55
N GLY A 255 -19.08 -8.64 0.58
CA GLY A 255 -19.55 -10.01 0.64
C GLY A 255 -19.49 -10.75 -0.69
N PHE A 256 -19.24 -10.01 -1.76
CA PHE A 256 -19.25 -10.59 -3.10
C PHE A 256 -17.91 -11.15 -3.55
N LYS A 257 -17.95 -12.31 -4.20
CA LYS A 257 -16.79 -12.82 -4.92
C LYS A 257 -16.51 -11.85 -6.05
N GLY A 258 -15.23 -11.59 -6.31
CA GLY A 258 -14.87 -10.62 -7.31
C GLY A 258 -14.61 -9.24 -6.73
N VAL A 259 -14.83 -9.11 -5.42
CA VAL A 259 -14.57 -7.84 -4.73
C VAL A 259 -13.44 -8.00 -3.71
N SER A 260 -12.38 -7.21 -3.86
CA SER A 260 -11.27 -7.22 -2.92
C SER A 260 -11.30 -5.98 -2.01
N HIS A 261 -10.31 -5.13 -2.16
CA HIS A 261 -10.18 -3.96 -1.28
C HIS A 261 -11.26 -2.91 -1.52
N CYS A 262 -11.72 -2.31 -0.42
CA CYS A 262 -12.64 -1.18 -0.50
C CYS A 262 -12.01 0.03 0.18
N TYR A 263 -12.22 1.21 -0.41
CA TYR A 263 -11.69 2.44 0.13
C TYR A 263 -12.78 3.47 0.19
N GLN A 264 -12.62 4.48 1.04
CA GLN A 264 -13.56 5.59 1.08
C GLN A 264 -12.82 6.92 1.13
N ARG A 265 -13.48 7.95 0.64
CA ARG A 265 -12.95 9.30 0.69
C ARG A 265 -14.13 10.24 0.83
N THR A 266 -13.84 11.53 0.91
CA THR A 266 -14.91 12.52 0.89
C THR A 266 -15.37 12.69 -0.55
N THR A 267 -16.53 13.32 -0.73
CA THR A 267 -16.96 13.70 -2.07
C THR A 267 -16.36 15.05 -2.40
N SER A 268 -16.23 15.35 -3.69
CA SER A 268 -15.72 16.64 -4.11
C SER A 268 -16.30 17.00 -5.48
N GLU A 269 -16.21 18.27 -5.83
CA GLU A 269 -16.70 18.74 -7.13
C GLU A 269 -15.94 18.06 -8.27
N LYS A 270 -14.64 17.88 -8.08
CA LYS A 270 -13.79 17.25 -9.09
C LYS A 270 -14.01 15.75 -9.25
N PHE A 271 -14.52 15.12 -8.20
CA PHE A 271 -14.78 13.67 -8.23
C PHE A 271 -15.82 13.30 -7.17
N ARG A 272 -17.06 13.11 -7.60
CA ARG A 272 -18.18 12.92 -6.68
C ARG A 272 -18.29 11.51 -6.07
N TYR A 273 -17.40 10.61 -6.46
CA TYR A 273 -17.43 9.25 -5.93
C TYR A 273 -16.68 9.15 -4.60
N ASN A 274 -17.36 8.65 -3.57
CA ASN A 274 -16.77 8.54 -2.23
C ASN A 274 -16.49 7.10 -1.81
N LEU A 275 -17.00 6.14 -2.57
CA LEU A 275 -16.73 4.73 -2.28
C LEU A 275 -15.99 4.04 -3.43
N PHE A 276 -14.82 3.50 -3.12
CA PHE A 276 -14.02 2.77 -4.09
C PHE A 276 -14.04 1.28 -3.75
N ALA A 277 -14.24 0.45 -4.77
CA ALA A 277 -14.23 -1.00 -4.55
C ALA A 277 -13.53 -1.72 -5.70
N MSE A 278 -12.36 -2.29 -5.39
CA MSE A 278 -11.60 -3.02 -6.40
C MSE A 278 -12.36 -4.28 -6.81
O MSE A 278 -12.62 -5.15 -5.99
CB MSE A 278 -10.22 -3.40 -5.87
CG MSE A 278 -9.37 -2.23 -5.40
SE MSE A 278 -9.23 -0.78 -6.69
CE MSE A 278 -10.53 0.43 -5.90
N MSE A 279 -12.71 -4.36 -8.09
CA MSE A 279 -13.37 -5.54 -8.62
C MSE A 279 -12.44 -6.31 -9.53
O MSE A 279 -11.52 -5.75 -10.14
CB MSE A 279 -14.67 -5.18 -9.35
CG MSE A 279 -15.82 -4.78 -8.44
SE MSE A 279 -17.33 -4.10 -9.45
CE MSE A 279 -18.55 -3.73 -8.00
N HIS A 280 -12.68 -7.62 -9.63
CA HIS A 280 -11.96 -8.46 -10.57
C HIS A 280 -12.92 -9.53 -11.06
N GLY A 281 -12.68 -10.02 -12.27
CA GLY A 281 -13.48 -11.09 -12.83
C GLY A 281 -12.69 -11.77 -13.93
N LYS A 282 -13.29 -12.78 -14.54
CA LYS A 282 -12.65 -13.46 -15.66
C LYS A 282 -13.20 -12.88 -16.96
N GLY A 283 -13.47 -11.58 -16.93
CA GLY A 283 -14.03 -10.85 -18.06
C GLY A 283 -14.63 -9.52 -17.61
N GLN A 284 -14.56 -8.51 -18.47
CA GLN A 284 -15.12 -7.20 -18.19
C GLN A 284 -16.63 -7.27 -17.90
N GLU A 285 -17.37 -7.84 -18.84
CA GLU A 285 -18.82 -7.95 -18.76
C GLU A 285 -19.27 -8.60 -17.45
N GLU A 286 -18.49 -9.57 -16.98
CA GLU A 286 -18.76 -10.24 -15.72
C GLU A 286 -18.73 -9.26 -14.56
N ILE A 287 -17.74 -8.37 -14.56
CA ILE A 287 -17.65 -7.31 -13.56
C ILE A 287 -18.83 -6.35 -13.69
N LYS A 288 -19.17 -6.01 -14.92
CA LYS A 288 -20.32 -5.14 -15.21
C LYS A 288 -21.60 -5.69 -14.58
N LEU A 289 -21.81 -6.99 -14.72
CA LEU A 289 -22.95 -7.66 -14.11
C LEU A 289 -22.97 -7.47 -12.61
N LEU A 290 -21.83 -7.75 -11.96
CA LEU A 290 -21.69 -7.60 -10.51
C LEU A 290 -21.98 -6.18 -10.06
N ALA A 291 -21.47 -5.20 -10.81
CA ALA A 291 -21.71 -3.80 -10.50
C ALA A 291 -23.18 -3.43 -10.66
N GLU A 292 -23.79 -3.90 -11.75
CA GLU A 292 -25.22 -3.65 -12.01
C GLU A 292 -26.11 -4.21 -10.91
N THR A 293 -25.75 -5.38 -10.39
CA THR A 293 -26.48 -6.01 -9.30
C THR A 293 -26.45 -5.12 -8.05
N ILE A 294 -25.23 -4.73 -7.67
CA ILE A 294 -25.02 -3.82 -6.54
C ILE A 294 -25.78 -2.52 -6.72
N SER A 295 -25.69 -1.94 -7.92
CA SER A 295 -26.42 -0.73 -8.28
C SER A 295 -27.92 -0.92 -8.08
N ARG A 296 -28.40 -2.11 -8.42
CA ARG A 296 -29.83 -2.44 -8.33
C ARG A 296 -30.29 -2.62 -6.88
N GLU A 297 -29.63 -3.53 -6.17
CA GLU A 297 -30.05 -3.90 -4.82
C GLU A 297 -29.83 -2.77 -3.80
N LYS A 298 -28.87 -1.90 -4.07
CA LYS A 298 -28.57 -0.81 -3.16
C LYS A 298 -29.00 0.56 -3.69
N ALA A 299 -29.69 0.57 -4.83
CA ALA A 299 -30.18 1.80 -5.46
C ALA A 299 -29.08 2.85 -5.63
N LEU A 300 -27.98 2.43 -6.25
CA LEU A 300 -26.84 3.32 -6.49
C LEU A 300 -26.62 3.49 -7.99
N SER A 301 -27.28 4.49 -8.57
CA SER A 301 -27.22 4.73 -10.01
C SER A 301 -25.98 5.53 -10.40
N LYS A 302 -25.36 6.18 -9.42
CA LYS A 302 -24.16 6.97 -9.67
C LYS A 302 -22.91 6.15 -9.40
N TYR A 303 -22.32 5.63 -10.47
CA TYR A 303 -21.09 4.85 -10.36
C TYR A 303 -20.37 4.76 -11.70
N ALA A 304 -19.14 4.26 -11.66
CA ALA A 304 -18.34 4.09 -12.87
C ALA A 304 -17.37 2.93 -12.71
N LEU A 305 -17.13 2.21 -13.79
CA LEU A 305 -16.17 1.11 -13.78
C LEU A 305 -14.89 1.50 -14.50
N LEU A 306 -13.82 1.70 -13.73
CA LEU A 306 -12.54 2.08 -14.29
C LEU A 306 -11.65 0.84 -14.43
N PHE A 307 -11.77 0.18 -15.58
CA PHE A 307 -11.04 -1.06 -15.82
C PHE A 307 -9.55 -0.82 -15.99
N SER A 308 -8.74 -1.68 -15.36
CA SER A 308 -7.30 -1.66 -15.54
C SER A 308 -6.93 -2.33 -16.86
N THR A 309 -6.47 -1.54 -17.83
CA THR A 309 -6.12 -2.06 -19.14
C THR A 309 -4.61 -2.17 -19.32
N ARG A 310 -3.86 -1.61 -18.37
CA ARG A 310 -2.40 -1.71 -18.34
C ARG A 310 -1.86 -1.55 -16.92
N GLU A 311 -0.79 -2.29 -16.62
CA GLU A 311 -0.07 -2.13 -15.37
C GLU A 311 1.36 -1.69 -15.65
N PHE A 312 1.65 -0.41 -15.42
CA PHE A 312 2.96 0.15 -15.69
C PHE A 312 3.93 -0.12 -14.55
N LYS A 313 3.38 -0.33 -13.36
CA LYS A 313 4.21 -0.45 -12.17
C LYS A 313 3.41 -1.00 -10.99
N LYS A 314 3.98 -1.99 -10.33
CA LYS A 314 3.44 -2.49 -9.07
C LYS A 314 4.58 -2.92 -8.18
N VAL A 315 5.20 -1.96 -7.52
CA VAL A 315 6.22 -2.23 -6.54
C VAL A 315 5.69 -1.70 -5.22
N ARG A 316 6.40 -1.97 -4.13
CA ARG A 316 6.11 -1.27 -2.89
C ARG A 316 7.30 -0.39 -2.54
N ILE A 317 6.99 0.82 -2.08
CA ILE A 317 8.00 1.83 -1.81
C ILE A 317 8.90 1.43 -0.64
N LYS A 318 10.15 1.89 -0.70
CA LYS A 318 11.03 1.81 0.45
C LYS A 318 10.94 3.15 1.16
N TYR A 319 10.69 3.11 2.47
CA TYR A 319 10.55 4.35 3.22
C TYR A 319 11.90 4.97 3.54
N PHE A 320 11.95 6.30 3.51
CA PHE A 320 13.12 7.04 3.96
C PHE A 320 14.41 6.72 3.20
N SER A 321 14.27 6.35 1.94
CA SER A 321 15.42 6.25 1.05
C SER A 321 15.70 7.64 0.51
N GLU A 322 16.93 7.87 0.08
CA GLU A 322 17.34 9.19 -0.38
C GLU A 322 16.93 9.42 -1.84
N GLU A 323 16.44 8.37 -2.48
CA GLU A 323 16.18 8.40 -3.92
C GLU A 323 14.97 9.23 -4.35
N PHE A 324 14.02 9.48 -3.45
CA PHE A 324 12.89 10.33 -3.80
C PHE A 324 13.34 11.78 -3.92
N GLU A 325 14.02 12.27 -2.88
CA GLU A 325 14.51 13.64 -2.84
C GLU A 325 15.39 13.91 -4.06
N ARG A 326 16.32 13.01 -4.32
CA ARG A 326 17.21 13.11 -5.47
C ARG A 326 16.40 13.14 -6.78
N TRP A 327 15.37 12.29 -6.85
CA TRP A 327 14.46 12.32 -7.98
C TRP A 327 13.73 13.64 -8.04
N PHE A 328 13.37 14.16 -6.87
CA PHE A 328 12.61 15.41 -6.79
C PHE A 328 13.40 16.62 -7.26
N LYS A 329 14.65 16.72 -6.83
CA LYS A 329 15.54 17.80 -7.25
C LYS A 329 15.64 17.84 -8.77
N GLU A 330 15.78 16.66 -9.37
CA GLU A 330 15.89 16.53 -10.82
C GLU A 330 14.65 17.07 -11.53
N LEU A 331 13.47 16.80 -10.96
CA LEU A 331 12.23 17.35 -11.49
C LEU A 331 12.24 18.87 -11.42
N ILE A 332 12.69 19.39 -10.28
CA ILE A 332 12.86 20.83 -10.10
C ILE A 332 13.85 21.38 -11.13
N SER A 333 15.01 20.73 -11.22
CA SER A 333 16.08 21.17 -12.11
C SER A 333 15.66 21.10 -13.59
N ALA A 334 14.94 20.06 -13.96
CA ALA A 334 14.48 19.91 -15.33
C ALA A 334 13.44 20.97 -15.68
N LEU A 335 12.76 21.49 -14.66
CA LEU A 335 11.76 22.53 -14.83
C LEU A 335 12.38 23.92 -14.86
N GLU A 336 13.64 24.02 -14.47
CA GLU A 336 14.39 25.28 -14.49
C GLU A 336 14.31 25.94 -15.86
N HIS A 337 14.32 25.12 -16.91
CA HIS A 337 14.01 25.62 -18.25
C HIS A 337 12.70 25.03 -18.76
#